data_1ZA8
#
_entry.id   1ZA8
#
_entity_poly.entity_id   1
_entity_poly.type   'polypeptide(L)'
_entity_poly.pdbx_seq_one_letter_code
;CGESCAMISFCFTEVIGCSCKNKVCYLNSIS
;
_entity_poly.pdbx_strand_id   A
#
# COMPACT_ATOMS: atom_id res chain seq x y z
N CYS A 1 -5.39 1.00 -2.96
CA CYS A 1 -4.48 1.03 -4.08
C CYS A 1 -4.45 -0.30 -4.81
N GLY A 2 -5.29 -1.22 -4.35
CA GLY A 2 -5.38 -2.54 -4.98
C GLY A 2 -4.09 -3.32 -4.87
N GLU A 3 -3.42 -3.20 -3.73
CA GLU A 3 -2.18 -3.91 -3.48
C GLU A 3 -2.06 -4.18 -1.99
N SER A 4 -1.30 -5.21 -1.61
CA SER A 4 -1.15 -5.55 -0.21
C SER A 4 0.30 -5.83 0.15
N CYS A 5 0.74 -5.24 1.26
CA CYS A 5 2.09 -5.42 1.76
C CYS A 5 2.11 -6.54 2.80
N ALA A 6 1.31 -7.57 2.53
CA ALA A 6 1.18 -8.72 3.41
C ALA A 6 2.50 -9.46 3.59
N MET A 7 3.28 -9.53 2.53
CA MET A 7 4.57 -10.22 2.56
C MET A 7 5.66 -9.28 3.00
N ILE A 8 5.83 -8.22 2.22
CA ILE A 8 6.83 -7.21 2.50
C ILE A 8 6.15 -5.88 2.75
N SER A 9 6.61 -5.15 3.75
CA SER A 9 6.04 -3.86 4.10
C SER A 9 6.48 -2.77 3.11
N PHE A 10 6.35 -3.07 1.84
CA PHE A 10 6.70 -2.16 0.78
C PHE A 10 5.85 -2.46 -0.44
N CYS A 11 5.03 -1.49 -0.82
CA CYS A 11 4.15 -1.64 -1.95
C CYS A 11 4.78 -1.06 -3.21
N PHE A 12 4.45 -1.62 -4.36
CA PHE A 12 4.97 -1.12 -5.62
C PHE A 12 4.35 0.23 -5.91
N THR A 13 3.07 0.35 -5.58
CA THR A 13 2.33 1.60 -5.78
C THR A 13 2.66 2.62 -4.68
N GLU A 14 3.46 2.20 -3.71
CA GLU A 14 3.86 3.09 -2.61
C GLU A 14 4.74 4.22 -3.14
N VAL A 15 5.59 3.85 -4.07
CA VAL A 15 6.53 4.80 -4.69
C VAL A 15 5.81 5.96 -5.37
N ILE A 16 4.62 5.72 -5.92
CA ILE A 16 3.89 6.78 -6.61
C ILE A 16 3.04 7.63 -5.66
N GLY A 17 2.87 7.17 -4.43
CA GLY A 17 2.07 7.94 -3.49
C GLY A 17 1.41 7.12 -2.41
N CYS A 18 1.06 5.87 -2.72
CA CYS A 18 0.41 5.00 -1.75
C CYS A 18 1.30 4.71 -0.56
N SER A 19 0.73 4.10 0.47
CA SER A 19 1.47 3.77 1.67
C SER A 19 0.95 2.49 2.30
N CYS A 20 1.86 1.65 2.78
CA CYS A 20 1.50 0.39 3.41
C CYS A 20 0.83 0.65 4.76
N LYS A 21 -0.31 0.02 4.98
CA LYS A 21 -1.03 0.18 6.23
C LYS A 21 -1.80 -1.09 6.55
N ASN A 22 -1.54 -1.64 7.74
CA ASN A 22 -2.18 -2.88 8.21
C ASN A 22 -2.25 -3.96 7.12
N LYS A 23 -1.12 -4.17 6.44
CA LYS A 23 -0.99 -5.19 5.38
C LYS A 23 -1.59 -4.75 4.03
N VAL A 24 -2.38 -3.69 4.00
CA VAL A 24 -2.97 -3.26 2.75
C VAL A 24 -2.44 -1.89 2.31
N CYS A 25 -2.16 -1.75 1.04
CA CYS A 25 -1.63 -0.50 0.49
C CYS A 25 -2.75 0.48 0.22
N TYR A 26 -2.75 1.60 0.93
CA TYR A 26 -3.77 2.63 0.79
C TYR A 26 -3.16 4.00 0.54
N LEU A 27 -3.97 4.86 -0.07
CA LEU A 27 -3.58 6.22 -0.37
C LEU A 27 -4.73 7.15 0.01
N ASN A 28 -4.58 7.85 1.13
CA ASN A 28 -5.63 8.74 1.62
C ASN A 28 -6.92 7.96 1.82
N SER A 29 -6.77 6.79 2.44
CA SER A 29 -7.88 5.88 2.73
C SER A 29 -8.45 5.23 1.46
N ILE A 30 -7.78 5.46 0.32
CA ILE A 30 -8.21 4.87 -0.94
C ILE A 30 -7.44 3.57 -1.19
N SER A 31 -8.15 2.53 -1.57
CA SER A 31 -7.54 1.24 -1.85
C SER A 31 -6.68 1.31 -3.10
N CYS A 1 -5.36 0.86 -2.91
CA CYS A 1 -4.49 0.93 -4.08
C CYS A 1 -4.44 -0.41 -4.80
N GLY A 2 -5.27 -1.35 -4.35
CA GLY A 2 -5.32 -2.67 -4.95
C GLY A 2 -4.00 -3.41 -4.83
N GLU A 3 -3.36 -3.26 -3.67
CA GLU A 3 -2.09 -3.90 -3.40
C GLU A 3 -2.00 -4.18 -1.90
N SER A 4 -1.29 -5.24 -1.54
CA SER A 4 -1.16 -5.60 -0.14
C SER A 4 0.29 -5.86 0.25
N CYS A 5 0.71 -5.25 1.34
CA CYS A 5 2.06 -5.41 1.87
C CYS A 5 2.08 -6.54 2.90
N ALA A 6 1.25 -7.54 2.65
CA ALA A 6 1.12 -8.70 3.53
C ALA A 6 2.39 -9.54 3.54
N MET A 7 3.08 -9.55 2.42
CA MET A 7 4.31 -10.32 2.28
C MET A 7 5.50 -9.50 2.73
N ILE A 8 5.60 -8.32 2.14
CA ILE A 8 6.67 -7.39 2.47
C ILE A 8 6.10 -6.01 2.72
N SER A 9 6.64 -5.31 3.70
CA SER A 9 6.18 -3.98 4.05
C SER A 9 6.68 -2.94 3.04
N PHE A 10 6.42 -3.23 1.78
CA PHE A 10 6.81 -2.35 0.68
C PHE A 10 5.83 -2.54 -0.47
N CYS A 11 5.13 -1.47 -0.81
CA CYS A 11 4.17 -1.49 -1.89
C CYS A 11 4.82 -0.99 -3.17
N PHE A 12 4.48 -1.58 -4.30
CA PHE A 12 5.02 -1.15 -5.56
C PHE A 12 4.44 0.21 -5.92
N THR A 13 3.21 0.45 -5.49
CA THR A 13 2.53 1.71 -5.77
C THR A 13 2.74 2.76 -4.67
N GLU A 14 3.50 2.45 -3.62
CA GLU A 14 3.71 3.43 -2.55
C GLU A 14 4.61 4.57 -3.04
N VAL A 15 5.56 4.24 -3.91
CA VAL A 15 6.46 5.24 -4.47
C VAL A 15 5.69 6.26 -5.30
N ILE A 16 4.52 5.85 -5.78
CA ILE A 16 3.65 6.71 -6.58
C ILE A 16 2.87 7.67 -5.69
N GLY A 17 2.56 7.21 -4.48
CA GLY A 17 1.82 8.02 -3.55
C GLY A 17 1.19 7.20 -2.43
N CYS A 18 0.87 5.94 -2.75
CA CYS A 18 0.25 5.04 -1.79
C CYS A 18 1.15 4.78 -0.58
N SER A 19 0.61 4.15 0.44
CA SER A 19 1.36 3.84 1.65
C SER A 19 0.81 2.58 2.30
N CYS A 20 1.71 1.71 2.76
CA CYS A 20 1.31 0.46 3.40
C CYS A 20 0.63 0.74 4.74
N LYS A 21 -0.54 0.15 4.94
CA LYS A 21 -1.27 0.33 6.18
C LYS A 21 -2.02 -0.95 6.54
N ASN A 22 -1.70 -1.50 7.71
CA ASN A 22 -2.30 -2.74 8.22
C ASN A 22 -2.36 -3.85 7.16
N LYS A 23 -1.23 -4.06 6.47
CA LYS A 23 -1.11 -5.11 5.44
C LYS A 23 -1.67 -4.69 4.07
N VAL A 24 -2.46 -3.63 4.01
CA VAL A 24 -3.01 -3.20 2.73
C VAL A 24 -2.46 -1.82 2.32
N CYS A 25 -2.12 -1.68 1.05
CA CYS A 25 -1.60 -0.42 0.54
C CYS A 25 -2.73 0.55 0.25
N TYR A 26 -2.69 1.73 0.88
CA TYR A 26 -3.73 2.73 0.69
C TYR A 26 -3.15 4.08 0.32
N LEU A 27 -3.89 4.80 -0.50
CA LEU A 27 -3.55 6.15 -0.93
C LEU A 27 -4.60 7.07 -0.36
N ASN A 28 -4.28 7.73 0.74
CA ASN A 28 -5.22 8.61 1.43
C ASN A 28 -6.41 7.76 1.88
N SER A 29 -6.09 6.56 2.37
CA SER A 29 -7.06 5.58 2.85
C SER A 29 -7.82 4.90 1.70
N ILE A 30 -7.48 5.24 0.47
CA ILE A 30 -8.11 4.62 -0.69
C ILE A 30 -7.35 3.36 -1.07
N SER A 31 -8.07 2.28 -1.34
CA SER A 31 -7.45 1.01 -1.69
C SER A 31 -6.66 1.13 -2.99
N CYS A 1 -5.38 1.05 -2.95
CA CYS A 1 -4.49 1.08 -4.10
C CYS A 1 -4.50 -0.26 -4.82
N GLY A 2 -5.33 -1.17 -4.32
CA GLY A 2 -5.44 -2.49 -4.93
C GLY A 2 -4.15 -3.29 -4.83
N GLU A 3 -3.45 -3.13 -3.71
CA GLU A 3 -2.20 -3.84 -3.48
C GLU A 3 -2.11 -4.18 -2.00
N SER A 4 -1.27 -5.13 -1.65
CA SER A 4 -1.12 -5.54 -0.27
C SER A 4 0.33 -5.82 0.09
N CYS A 5 0.77 -5.25 1.19
CA CYS A 5 2.12 -5.45 1.70
C CYS A 5 2.09 -6.61 2.71
N ALA A 6 1.31 -7.62 2.35
CA ALA A 6 1.12 -8.81 3.17
C ALA A 6 2.41 -9.56 3.43
N MET A 7 3.30 -9.57 2.45
CA MET A 7 4.57 -10.27 2.56
C MET A 7 5.63 -9.36 3.17
N ILE A 8 5.83 -8.23 2.52
CA ILE A 8 6.79 -7.24 2.96
C ILE A 8 6.15 -5.87 3.04
N SER A 9 6.57 -5.07 4.01
CA SER A 9 6.03 -3.73 4.22
C SER A 9 6.56 -2.75 3.17
N PHE A 10 6.37 -3.12 1.91
CA PHE A 10 6.79 -2.30 0.79
C PHE A 10 5.85 -2.54 -0.38
N CYS A 11 5.11 -1.52 -0.75
CA CYS A 11 4.18 -1.61 -1.85
C CYS A 11 4.80 -1.11 -3.13
N PHE A 12 4.45 -1.71 -4.24
CA PHE A 12 4.97 -1.28 -5.53
C PHE A 12 4.39 0.09 -5.87
N THR A 13 3.12 0.27 -5.53
CA THR A 13 2.43 1.51 -5.81
C THR A 13 2.65 2.59 -4.74
N GLU A 14 3.41 2.29 -3.69
CA GLU A 14 3.64 3.30 -2.65
C GLU A 14 4.54 4.43 -3.15
N VAL A 15 5.45 4.10 -4.06
CA VAL A 15 6.35 5.10 -4.61
C VAL A 15 5.57 6.17 -5.38
N ILE A 16 4.40 5.79 -5.89
CA ILE A 16 3.53 6.71 -6.62
C ILE A 16 2.84 7.67 -5.66
N GLY A 17 2.54 7.17 -4.48
CA GLY A 17 1.89 7.98 -3.47
C GLY A 17 1.27 7.15 -2.36
N CYS A 18 0.98 5.89 -2.67
CA CYS A 18 0.36 4.97 -1.72
C CYS A 18 1.28 4.70 -0.53
N SER A 19 0.75 4.04 0.49
CA SER A 19 1.52 3.72 1.68
C SER A 19 1.00 2.42 2.30
N CYS A 20 1.91 1.58 2.78
CA CYS A 20 1.54 0.32 3.40
C CYS A 20 0.85 0.58 4.74
N LYS A 21 -0.29 -0.06 4.96
CA LYS A 21 -1.03 0.12 6.19
C LYS A 21 -1.78 -1.16 6.53
N ASN A 22 -1.46 -1.73 7.69
CA ASN A 22 -2.07 -2.97 8.18
C ASN A 22 -2.15 -4.04 7.08
N LYS A 23 -1.02 -4.22 6.37
CA LYS A 23 -0.90 -5.23 5.30
C LYS A 23 -1.56 -4.81 3.98
N VAL A 24 -2.37 -3.76 3.98
CA VAL A 24 -2.99 -3.32 2.74
C VAL A 24 -2.45 -1.94 2.31
N CYS A 25 -2.17 -1.80 1.03
CA CYS A 25 -1.64 -0.55 0.48
C CYS A 25 -2.77 0.44 0.19
N TYR A 26 -2.72 1.58 0.86
CA TYR A 26 -3.74 2.62 0.70
C TYR A 26 -3.11 3.97 0.38
N LEU A 27 -3.89 4.84 -0.22
CA LEU A 27 -3.47 6.19 -0.58
C LEU A 27 -4.58 7.13 -0.16
N ASN A 28 -4.37 7.84 0.94
CA ASN A 28 -5.37 8.77 1.48
C ASN A 28 -6.69 8.03 1.71
N SER A 29 -6.57 6.87 2.39
CA SER A 29 -7.72 6.02 2.72
C SER A 29 -8.28 5.29 1.49
N ILE A 30 -7.75 5.58 0.31
CA ILE A 30 -8.22 4.93 -0.91
C ILE A 30 -7.42 3.65 -1.17
N SER A 31 -8.12 2.58 -1.50
CA SER A 31 -7.48 1.30 -1.78
C SER A 31 -6.66 1.37 -3.06
N CYS A 1 -5.46 0.93 -2.91
CA CYS A 1 -4.59 0.92 -4.09
C CYS A 1 -4.69 -0.42 -4.80
N GLY A 2 -5.37 -1.36 -4.17
CA GLY A 2 -5.51 -2.68 -4.75
C GLY A 2 -4.21 -3.48 -4.69
N GLU A 3 -3.45 -3.24 -3.63
CA GLU A 3 -2.19 -3.93 -3.42
C GLU A 3 -2.10 -4.32 -1.96
N SER A 4 -1.29 -5.32 -1.65
CA SER A 4 -1.15 -5.77 -0.28
C SER A 4 0.31 -5.95 0.12
N CYS A 5 0.70 -5.30 1.19
CA CYS A 5 2.05 -5.39 1.72
C CYS A 5 2.12 -6.52 2.75
N ALA A 6 1.37 -7.58 2.48
CA ALA A 6 1.30 -8.74 3.35
C ALA A 6 2.64 -9.47 3.47
N MET A 7 3.41 -9.42 2.39
CA MET A 7 4.71 -10.08 2.36
C MET A 7 5.78 -9.13 2.88
N ILE A 8 5.87 -7.99 2.24
CA ILE A 8 6.82 -6.96 2.62
C ILE A 8 6.08 -5.66 2.85
N SER A 9 6.46 -4.93 3.89
CA SER A 9 5.82 -3.66 4.23
C SER A 9 6.26 -2.54 3.29
N PHE A 10 6.22 -2.83 2.00
CA PHE A 10 6.58 -1.88 0.97
C PHE A 10 5.79 -2.21 -0.29
N CYS A 11 4.94 -1.30 -0.69
CA CYS A 11 4.11 -1.49 -1.87
C CYS A 11 4.79 -0.92 -3.10
N PHE A 12 4.56 -1.52 -4.26
CA PHE A 12 5.14 -1.01 -5.48
C PHE A 12 4.47 0.30 -5.85
N THR A 13 3.18 0.41 -5.52
CA THR A 13 2.42 1.62 -5.78
C THR A 13 2.66 2.66 -4.69
N GLU A 14 3.43 2.27 -3.68
CA GLU A 14 3.74 3.16 -2.56
C GLU A 14 4.55 4.35 -3.05
N VAL A 15 5.49 4.09 -3.94
CA VAL A 15 6.34 5.13 -4.51
C VAL A 15 5.48 6.15 -5.27
N ILE A 16 4.39 5.68 -5.85
CA ILE A 16 3.49 6.52 -6.62
C ILE A 16 2.71 7.47 -5.71
N GLY A 17 2.43 7.03 -4.51
CA GLY A 17 1.71 7.85 -3.56
C GLY A 17 1.06 7.04 -2.45
N CYS A 18 0.90 5.75 -2.70
CA CYS A 18 0.28 4.85 -1.72
C CYS A 18 1.18 4.64 -0.51
N SER A 19 0.63 4.03 0.52
CA SER A 19 1.36 3.75 1.74
C SER A 19 0.80 2.49 2.40
N CYS A 20 1.69 1.57 2.76
CA CYS A 20 1.30 0.32 3.40
C CYS A 20 0.54 0.58 4.70
N LYS A 21 -0.55 -0.14 4.91
CA LYS A 21 -1.36 0.05 6.11
C LYS A 21 -2.06 -1.26 6.46
N ASN A 22 -1.71 -1.80 7.62
CA ASN A 22 -2.29 -3.06 8.14
C ASN A 22 -2.34 -4.17 7.08
N LYS A 23 -1.25 -4.27 6.28
CA LYS A 23 -1.12 -5.28 5.22
C LYS A 23 -1.74 -4.84 3.89
N VAL A 24 -2.57 -3.81 3.90
CA VAL A 24 -3.17 -3.33 2.66
C VAL A 24 -2.62 -1.96 2.27
N CYS A 25 -2.30 -1.79 1.00
CA CYS A 25 -1.76 -0.53 0.51
C CYS A 25 -2.87 0.48 0.24
N TYR A 26 -2.76 1.67 0.84
CA TYR A 26 -3.75 2.72 0.66
C TYR A 26 -3.09 4.05 0.32
N LEU A 27 -3.71 4.79 -0.58
CA LEU A 27 -3.23 6.11 -0.96
C LEU A 27 -4.22 7.11 -0.37
N ASN A 28 -3.82 7.74 0.72
CA ASN A 28 -4.67 8.68 1.43
C ASN A 28 -5.96 7.97 1.85
N SER A 29 -5.78 6.74 2.38
CA SER A 29 -6.87 5.89 2.85
C SER A 29 -7.65 5.23 1.70
N ILE A 30 -7.28 5.53 0.45
CA ILE A 30 -7.94 4.94 -0.70
C ILE A 30 -7.25 3.62 -1.08
N SER A 31 -8.04 2.58 -1.31
CA SER A 31 -7.51 1.27 -1.67
C SER A 31 -6.74 1.31 -2.97
N CYS A 1 -5.38 0.96 -2.84
CA CYS A 1 -4.48 1.02 -3.97
C CYS A 1 -4.44 -0.30 -4.72
N GLY A 2 -5.24 -1.26 -4.26
CA GLY A 2 -5.28 -2.57 -4.90
C GLY A 2 -3.92 -3.23 -4.85
N GLU A 3 -3.25 -3.03 -3.73
CA GLU A 3 -1.92 -3.55 -3.48
C GLU A 3 -1.84 -3.97 -2.02
N SER A 4 -1.05 -4.97 -1.70
CA SER A 4 -0.96 -5.44 -0.33
C SER A 4 0.47 -5.71 0.10
N CYS A 5 0.83 -5.18 1.26
CA CYS A 5 2.16 -5.36 1.83
C CYS A 5 2.11 -6.51 2.83
N ALA A 6 1.32 -7.52 2.50
CA ALA A 6 1.14 -8.71 3.34
C ALA A 6 2.44 -9.48 3.54
N MET A 7 3.21 -9.57 2.47
CA MET A 7 4.48 -10.30 2.51
C MET A 7 5.60 -9.38 2.93
N ILE A 8 5.79 -8.33 2.16
CA ILE A 8 6.83 -7.35 2.42
C ILE A 8 6.18 -6.00 2.73
N SER A 9 6.71 -5.29 3.71
CA SER A 9 6.17 -3.99 4.09
C SER A 9 6.60 -2.91 3.10
N PHE A 10 6.39 -3.20 1.82
CA PHE A 10 6.72 -2.28 0.75
C PHE A 10 5.79 -2.53 -0.42
N CYS A 11 5.04 -1.51 -0.79
CA CYS A 11 4.10 -1.61 -1.88
C CYS A 11 4.73 -1.09 -3.16
N PHE A 12 4.46 -1.74 -4.28
CA PHE A 12 4.99 -1.30 -5.55
C PHE A 12 4.43 0.08 -5.89
N THR A 13 3.16 0.28 -5.53
CA THR A 13 2.48 1.54 -5.79
C THR A 13 2.74 2.59 -4.70
N GLU A 14 3.53 2.23 -3.69
CA GLU A 14 3.84 3.19 -2.62
C GLU A 14 4.60 4.38 -3.15
N VAL A 15 5.61 4.10 -3.94
CA VAL A 15 6.44 5.14 -4.55
C VAL A 15 5.60 6.14 -5.35
N ILE A 16 4.44 5.68 -5.83
CA ILE A 16 3.53 6.52 -6.60
C ILE A 16 2.79 7.49 -5.69
N GLY A 17 2.56 7.07 -4.46
CA GLY A 17 1.86 7.92 -3.50
C GLY A 17 1.22 7.11 -2.39
N CYS A 18 0.99 5.83 -2.65
CA CYS A 18 0.36 4.94 -1.68
C CYS A 18 1.25 4.68 -0.47
N SER A 19 0.69 4.06 0.55
CA SER A 19 1.44 3.75 1.76
C SER A 19 0.91 2.47 2.40
N CYS A 20 1.82 1.59 2.78
CA CYS A 20 1.45 0.33 3.41
C CYS A 20 0.69 0.61 4.71
N LYS A 21 -0.39 -0.11 4.94
CA LYS A 21 -1.18 0.11 6.12
C LYS A 21 -1.89 -1.17 6.53
N ASN A 22 -1.53 -1.69 7.69
CA ASN A 22 -2.11 -2.93 8.22
C ASN A 22 -2.24 -4.01 7.14
N LYS A 23 -1.12 -4.22 6.41
CA LYS A 23 -1.03 -5.23 5.34
C LYS A 23 -1.63 -4.76 4.00
N VAL A 24 -2.48 -3.75 4.02
CA VAL A 24 -3.08 -3.26 2.78
C VAL A 24 -2.55 -1.87 2.43
N CYS A 25 -2.21 -1.67 1.17
CA CYS A 25 -1.69 -0.39 0.71
C CYS A 25 -2.82 0.59 0.40
N TYR A 26 -2.78 1.75 1.05
CA TYR A 26 -3.80 2.78 0.85
C TYR A 26 -3.18 4.12 0.49
N LEU A 27 -3.93 4.89 -0.30
CA LEU A 27 -3.53 6.22 -0.70
C LEU A 27 -4.68 7.15 -0.34
N ASN A 28 -4.48 7.93 0.72
CA ASN A 28 -5.51 8.84 1.21
C ASN A 28 -6.77 8.05 1.57
N SER A 29 -6.54 6.92 2.27
CA SER A 29 -7.60 6.02 2.71
C SER A 29 -8.22 5.22 1.55
N ILE A 30 -7.77 5.49 0.33
CA ILE A 30 -8.29 4.79 -0.84
C ILE A 30 -7.46 3.53 -1.11
N SER A 31 -8.15 2.43 -1.40
CA SER A 31 -7.50 1.16 -1.69
C SER A 31 -6.67 1.27 -2.96
N CYS A 1 -5.32 0.94 -2.75
CA CYS A 1 -4.47 0.95 -3.93
C CYS A 1 -4.49 -0.41 -4.61
N GLY A 2 -5.23 -1.34 -4.00
CA GLY A 2 -5.35 -2.68 -4.55
C GLY A 2 -4.05 -3.44 -4.51
N GLU A 3 -3.21 -3.13 -3.53
CA GLU A 3 -1.94 -3.80 -3.36
C GLU A 3 -1.77 -4.17 -1.89
N SER A 4 -1.26 -5.36 -1.66
CA SER A 4 -1.09 -5.84 -0.30
C SER A 4 0.37 -5.97 0.09
N CYS A 5 0.73 -5.35 1.21
CA CYS A 5 2.08 -5.41 1.75
C CYS A 5 2.15 -6.46 2.84
N ALA A 6 1.41 -7.55 2.62
CA ALA A 6 1.33 -8.65 3.58
C ALA A 6 2.68 -9.33 3.79
N MET A 7 3.43 -9.47 2.71
CA MET A 7 4.74 -10.11 2.76
C MET A 7 5.81 -9.10 3.10
N ILE A 8 5.87 -8.07 2.30
CA ILE A 8 6.84 -7.01 2.49
C ILE A 8 6.13 -5.67 2.61
N SER A 9 6.56 -4.85 3.57
CA SER A 9 5.97 -3.55 3.79
C SER A 9 6.46 -2.53 2.75
N PHE A 10 6.39 -2.93 1.50
CA PHE A 10 6.81 -2.09 0.38
C PHE A 10 6.02 -2.45 -0.86
N CYS A 11 5.09 -1.57 -1.21
CA CYS A 11 4.26 -1.77 -2.39
C CYS A 11 4.82 -1.02 -3.59
N PHE A 12 4.49 -1.49 -4.78
CA PHE A 12 4.95 -0.85 -6.01
C PHE A 12 4.24 0.50 -6.18
N THR A 13 2.93 0.51 -5.92
CA THR A 13 2.14 1.73 -6.03
C THR A 13 2.41 2.66 -4.85
N GLU A 14 3.07 2.14 -3.84
CA GLU A 14 3.42 2.90 -2.65
C GLU A 14 4.47 3.95 -2.98
N VAL A 15 5.39 3.59 -3.86
CA VAL A 15 6.45 4.49 -4.29
C VAL A 15 5.90 5.77 -4.91
N ILE A 16 4.76 5.67 -5.59
CA ILE A 16 4.18 6.83 -6.25
C ILE A 16 3.15 7.57 -5.39
N GLY A 17 2.94 7.14 -4.14
CA GLY A 17 1.98 7.85 -3.31
C GLY A 17 1.32 7.00 -2.25
N CYS A 18 1.08 5.74 -2.57
CA CYS A 18 0.41 4.83 -1.62
C CYS A 18 1.27 4.57 -0.39
N SER A 19 0.68 3.96 0.62
CA SER A 19 1.39 3.66 1.86
C SER A 19 0.85 2.39 2.49
N CYS A 20 1.75 1.54 2.96
CA CYS A 20 1.39 0.27 3.58
C CYS A 20 0.69 0.50 4.92
N LYS A 21 -0.48 -0.10 5.09
CA LYS A 21 -1.25 0.03 6.31
C LYS A 21 -2.09 -1.22 6.52
N ASN A 22 -1.99 -1.82 7.71
CA ASN A 22 -2.72 -3.05 8.06
C ASN A 22 -2.68 -4.09 6.94
N LYS A 23 -1.47 -4.29 6.37
CA LYS A 23 -1.24 -5.28 5.30
C LYS A 23 -1.75 -4.81 3.92
N VAL A 24 -2.52 -3.73 3.87
CA VAL A 24 -3.03 -3.23 2.61
C VAL A 24 -2.47 -1.84 2.33
N CYS A 25 -2.03 -1.61 1.11
CA CYS A 25 -1.50 -0.29 0.76
C CYS A 25 -2.63 0.65 0.33
N TYR A 26 -2.72 1.78 1.02
CA TYR A 26 -3.74 2.78 0.74
C TYR A 26 -3.13 4.12 0.34
N LEU A 27 -3.90 4.90 -0.37
CA LEU A 27 -3.49 6.24 -0.80
C LEU A 27 -4.63 7.17 -0.43
N ASN A 28 -4.40 7.98 0.60
CA ASN A 28 -5.43 8.91 1.09
C ASN A 28 -6.68 8.12 1.51
N SER A 29 -6.43 7.02 2.21
CA SER A 29 -7.49 6.13 2.72
C SER A 29 -8.12 5.30 1.59
N ILE A 30 -7.72 5.55 0.34
CA ILE A 30 -8.26 4.81 -0.79
C ILE A 30 -7.41 3.57 -1.05
N SER A 31 -8.06 2.43 -1.25
CA SER A 31 -7.36 1.18 -1.50
C SER A 31 -6.60 1.24 -2.82
N CYS A 1 -5.26 1.06 -2.71
CA CYS A 1 -4.36 1.09 -3.86
C CYS A 1 -4.41 -0.23 -4.60
N GLY A 2 -5.12 -1.18 -4.00
CA GLY A 2 -5.26 -2.49 -4.61
C GLY A 2 -3.96 -3.27 -4.58
N GLU A 3 -3.16 -3.07 -3.55
CA GLU A 3 -1.90 -3.75 -3.40
C GLU A 3 -1.73 -4.15 -1.94
N SER A 4 -1.21 -5.34 -1.72
CA SER A 4 -1.05 -5.86 -0.37
C SER A 4 0.43 -5.97 0.03
N CYS A 5 0.74 -5.43 1.19
CA CYS A 5 2.08 -5.47 1.75
C CYS A 5 2.13 -6.53 2.84
N ALA A 6 1.43 -7.63 2.61
CA ALA A 6 1.34 -8.74 3.55
C ALA A 6 2.70 -9.38 3.82
N MET A 7 3.49 -9.53 2.78
CA MET A 7 4.81 -10.15 2.89
C MET A 7 5.85 -9.11 3.24
N ILE A 8 5.94 -8.11 2.39
CA ILE A 8 6.89 -7.02 2.59
C ILE A 8 6.14 -5.70 2.73
N SER A 9 6.54 -4.89 3.69
CA SER A 9 5.92 -3.59 3.94
C SER A 9 6.39 -2.57 2.91
N PHE A 10 6.34 -2.95 1.64
CA PHE A 10 6.75 -2.09 0.55
C PHE A 10 5.99 -2.47 -0.71
N CYS A 11 5.11 -1.59 -1.12
CA CYS A 11 4.30 -1.81 -2.31
C CYS A 11 4.92 -1.11 -3.52
N PHE A 12 4.53 -1.55 -4.72
CA PHE A 12 5.00 -0.94 -5.95
C PHE A 12 4.37 0.43 -6.12
N THR A 13 3.06 0.50 -5.86
CA THR A 13 2.32 1.76 -5.98
C THR A 13 2.62 2.69 -4.80
N GLU A 14 3.33 2.17 -3.82
CA GLU A 14 3.69 2.93 -2.63
C GLU A 14 4.57 4.12 -3.01
N VAL A 15 5.61 3.87 -3.79
CA VAL A 15 6.50 4.95 -4.23
C VAL A 15 5.80 5.89 -5.19
N ILE A 16 4.70 5.41 -5.78
CA ILE A 16 3.93 6.20 -6.72
C ILE A 16 3.08 7.21 -5.97
N GLY A 17 2.56 6.77 -4.84
CA GLY A 17 1.73 7.63 -4.01
C GLY A 17 0.82 6.83 -3.09
N CYS A 18 1.38 5.83 -2.44
CA CYS A 18 0.61 4.98 -1.53
C CYS A 18 1.42 4.69 -0.27
N SER A 19 0.77 4.07 0.70
CA SER A 19 1.42 3.73 1.96
C SER A 19 0.81 2.45 2.54
N CYS A 20 1.69 1.54 2.96
CA CYS A 20 1.27 0.26 3.52
C CYS A 20 0.47 0.48 4.81
N LYS A 21 -0.68 -0.16 4.91
CA LYS A 21 -1.52 -0.02 6.09
C LYS A 21 -2.26 -1.33 6.38
N ASN A 22 -1.96 -1.91 7.54
CA ASN A 22 -2.55 -3.17 7.99
C ASN A 22 -2.59 -4.21 6.88
N LYS A 23 -1.44 -4.43 6.23
CA LYS A 23 -1.26 -5.42 5.16
C LYS A 23 -1.78 -4.92 3.79
N VAL A 24 -2.52 -3.82 3.75
CA VAL A 24 -3.01 -3.31 2.47
C VAL A 24 -2.56 -1.88 2.25
N CYS A 25 -1.99 -1.61 1.08
CA CYS A 25 -1.51 -0.27 0.77
C CYS A 25 -2.66 0.65 0.39
N TYR A 26 -2.70 1.83 1.02
CA TYR A 26 -3.75 2.81 0.79
C TYR A 26 -3.16 4.18 0.48
N LEU A 27 -3.95 5.01 -0.18
CA LEU A 27 -3.57 6.36 -0.51
C LEU A 27 -4.71 7.29 -0.10
N ASN A 28 -4.48 8.06 0.97
CA ASN A 28 -5.50 8.97 1.49
C ASN A 28 -6.78 8.19 1.82
N SER A 29 -6.60 7.04 2.47
CA SER A 29 -7.70 6.15 2.87
C SER A 29 -8.30 5.40 1.69
N ILE A 30 -7.74 5.59 0.51
CA ILE A 30 -8.22 4.92 -0.69
C ILE A 30 -7.41 3.66 -0.94
N SER A 31 -8.07 2.56 -1.29
CA SER A 31 -7.38 1.30 -1.54
C SER A 31 -6.55 1.39 -2.82
N CYS A 1 -5.37 1.05 -2.90
CA CYS A 1 -4.50 1.06 -4.07
C CYS A 1 -4.51 -0.30 -4.76
N GLY A 2 -5.32 -1.20 -4.24
CA GLY A 2 -5.44 -2.54 -4.82
C GLY A 2 -4.15 -3.32 -4.74
N GLU A 3 -3.46 -3.22 -3.60
CA GLU A 3 -2.22 -3.93 -3.39
C GLU A 3 -2.09 -4.26 -1.91
N SER A 4 -1.34 -5.30 -1.58
CA SER A 4 -1.17 -5.70 -0.20
C SER A 4 0.29 -5.95 0.14
N CYS A 5 0.73 -5.32 1.22
CA CYS A 5 2.10 -5.48 1.72
C CYS A 5 2.13 -6.59 2.76
N ALA A 6 1.34 -7.63 2.48
CA ALA A 6 1.23 -8.79 3.37
C ALA A 6 2.57 -9.48 3.60
N MET A 7 3.37 -9.56 2.55
CA MET A 7 4.68 -10.21 2.64
C MET A 7 5.73 -9.20 3.03
N ILE A 8 5.91 -8.21 2.17
CA ILE A 8 6.88 -7.15 2.42
C ILE A 8 6.15 -5.86 2.71
N SER A 9 6.58 -5.16 3.75
CA SER A 9 5.94 -3.89 4.15
C SER A 9 6.35 -2.75 3.22
N PHE A 10 6.25 -3.01 1.93
CA PHE A 10 6.58 -2.03 0.91
C PHE A 10 5.73 -2.32 -0.33
N CYS A 11 4.94 -1.35 -0.72
CA CYS A 11 4.06 -1.51 -1.87
C CYS A 11 4.72 -1.00 -3.14
N PHE A 12 4.39 -1.61 -4.26
CA PHE A 12 4.94 -1.18 -5.54
C PHE A 12 4.40 0.21 -5.86
N THR A 13 3.13 0.41 -5.57
CA THR A 13 2.48 1.70 -5.81
C THR A 13 2.80 2.70 -4.69
N GLU A 14 3.58 2.26 -3.71
CA GLU A 14 3.97 3.12 -2.59
C GLU A 14 4.81 4.28 -3.09
N VAL A 15 5.74 4.00 -3.99
CA VAL A 15 6.61 5.02 -4.56
C VAL A 15 5.80 6.04 -5.36
N ILE A 16 4.63 5.62 -5.85
CA ILE A 16 3.76 6.48 -6.61
C ILE A 16 3.04 7.47 -5.71
N GLY A 17 2.76 7.03 -4.49
CA GLY A 17 2.08 7.88 -3.53
C GLY A 17 1.43 7.09 -2.43
N CYS A 18 1.07 5.85 -2.72
CA CYS A 18 0.42 4.98 -1.76
C CYS A 18 1.35 4.64 -0.59
N SER A 19 0.79 4.03 0.44
CA SER A 19 1.59 3.66 1.61
C SER A 19 1.01 2.41 2.26
N CYS A 20 1.89 1.50 2.67
CA CYS A 20 1.49 0.27 3.31
C CYS A 20 0.78 0.54 4.63
N LYS A 21 -0.37 -0.10 4.83
CA LYS A 21 -1.13 0.09 6.04
C LYS A 21 -1.77 -1.21 6.48
N ASN A 22 -1.28 -1.74 7.61
CA ASN A 22 -1.75 -3.00 8.19
C ASN A 22 -2.01 -4.07 7.13
N LYS A 23 -0.98 -4.29 6.28
CA LYS A 23 -1.00 -5.31 5.22
C LYS A 23 -1.66 -4.82 3.91
N VAL A 24 -2.46 -3.77 3.96
CA VAL A 24 -3.08 -3.29 2.73
C VAL A 24 -2.59 -1.89 2.34
N CYS A 25 -2.24 -1.75 1.07
CA CYS A 25 -1.73 -0.47 0.55
C CYS A 25 -2.87 0.53 0.32
N TYR A 26 -2.78 1.67 0.98
CA TYR A 26 -3.78 2.71 0.85
C TYR A 26 -3.16 4.06 0.50
N LEU A 27 -3.99 4.90 -0.10
CA LEU A 27 -3.61 6.24 -0.48
C LEU A 27 -4.74 7.19 -0.10
N ASN A 28 -4.57 7.90 1.00
CA ASN A 28 -5.59 8.83 1.50
C ASN A 28 -6.92 8.10 1.68
N SER A 29 -6.86 6.97 2.39
CA SER A 29 -8.03 6.13 2.67
C SER A 29 -8.51 5.35 1.43
N ILE A 30 -7.92 5.63 0.28
CA ILE A 30 -8.30 4.93 -0.95
C ILE A 30 -7.47 3.67 -1.12
N SER A 31 -8.13 2.57 -1.50
CA SER A 31 -7.45 1.30 -1.70
C SER A 31 -6.65 1.35 -3.00
N CYS A 1 -5.15 1.01 -2.92
CA CYS A 1 -4.29 1.01 -4.10
C CYS A 1 -4.28 -0.36 -4.75
N GLY A 2 -5.08 -1.27 -4.19
CA GLY A 2 -5.15 -2.62 -4.73
C GLY A 2 -3.83 -3.36 -4.62
N GLU A 3 -3.11 -3.08 -3.54
CA GLU A 3 -1.81 -3.70 -3.29
C GLU A 3 -1.79 -4.21 -1.86
N SER A 4 -1.10 -5.30 -1.62
CA SER A 4 -1.03 -5.87 -0.29
C SER A 4 0.40 -6.05 0.19
N CYS A 5 0.73 -5.39 1.29
CA CYS A 5 2.05 -5.49 1.88
C CYS A 5 2.05 -6.56 2.97
N ALA A 6 1.29 -7.62 2.71
CA ALA A 6 1.17 -8.73 3.65
C ALA A 6 2.50 -9.43 3.90
N MET A 7 3.27 -9.59 2.83
CA MET A 7 4.57 -10.24 2.92
C MET A 7 5.66 -9.22 3.21
N ILE A 8 5.81 -8.29 2.29
CA ILE A 8 6.81 -7.24 2.42
C ILE A 8 6.13 -5.89 2.64
N SER A 9 6.66 -5.09 3.55
CA SER A 9 6.12 -3.79 3.85
C SER A 9 6.55 -2.76 2.80
N PHE A 10 6.30 -3.09 1.56
CA PHE A 10 6.63 -2.22 0.43
C PHE A 10 5.60 -2.41 -0.66
N CYS A 11 4.93 -1.32 -1.00
CA CYS A 11 3.90 -1.34 -2.02
C CYS A 11 4.47 -1.05 -3.40
N PHE A 12 3.96 -1.73 -4.42
CA PHE A 12 4.42 -1.51 -5.77
C PHE A 12 4.15 -0.06 -6.17
N THR A 13 2.99 0.44 -5.76
CA THR A 13 2.60 1.80 -6.06
C THR A 13 2.97 2.77 -4.91
N GLU A 14 3.83 2.32 -4.00
CA GLU A 14 4.26 3.15 -2.88
C GLU A 14 4.93 4.42 -3.36
N VAL A 15 5.79 4.26 -4.38
CA VAL A 15 6.52 5.37 -4.97
C VAL A 15 5.56 6.43 -5.53
N ILE A 16 4.39 5.98 -5.96
CA ILE A 16 3.38 6.87 -6.50
C ILE A 16 2.74 7.72 -5.41
N GLY A 17 2.67 7.17 -4.22
CA GLY A 17 2.09 7.89 -3.11
C GLY A 17 1.47 6.98 -2.07
N CYS A 18 1.16 5.74 -2.48
CA CYS A 18 0.54 4.78 -1.57
C CYS A 18 1.46 4.44 -0.41
N SER A 19 0.87 3.97 0.67
CA SER A 19 1.62 3.60 1.85
C SER A 19 1.02 2.35 2.48
N CYS A 20 1.89 1.41 2.86
CA CYS A 20 1.46 0.17 3.49
C CYS A 20 0.72 0.47 4.78
N LYS A 21 -0.44 -0.16 4.97
CA LYS A 21 -1.22 0.06 6.17
C LYS A 21 -2.00 -1.20 6.52
N ASN A 22 -1.73 -1.75 7.70
CA ASN A 22 -2.38 -2.97 8.18
C ASN A 22 -2.47 -4.04 7.09
N LYS A 23 -1.34 -4.29 6.41
CA LYS A 23 -1.22 -5.30 5.34
C LYS A 23 -1.77 -4.81 3.99
N VAL A 24 -2.58 -3.77 3.98
CA VAL A 24 -3.13 -3.27 2.73
C VAL A 24 -2.58 -1.89 2.38
N CYS A 25 -2.21 -1.69 1.13
CA CYS A 25 -1.67 -0.42 0.69
C CYS A 25 -2.79 0.59 0.44
N TYR A 26 -2.73 1.71 1.14
CA TYR A 26 -3.75 2.75 1.00
C TYR A 26 -3.13 4.10 0.63
N LEU A 27 -3.91 4.89 -0.08
CA LEU A 27 -3.52 6.21 -0.51
C LEU A 27 -4.67 7.16 -0.18
N ASN A 28 -4.53 7.89 0.93
CA ASN A 28 -5.55 8.82 1.39
C ASN A 28 -6.89 8.08 1.55
N SER A 29 -6.83 6.96 2.28
CA SER A 29 -7.99 6.11 2.55
C SER A 29 -8.43 5.30 1.32
N ILE A 30 -7.83 5.58 0.16
CA ILE A 30 -8.18 4.87 -1.07
C ILE A 30 -7.32 3.62 -1.20
N SER A 31 -7.94 2.49 -1.52
CA SER A 31 -7.22 1.25 -1.70
C SER A 31 -6.44 1.28 -3.01
N CYS A 1 -5.39 1.00 -2.93
CA CYS A 1 -4.48 1.04 -4.06
C CYS A 1 -4.47 -0.29 -4.80
N GLY A 2 -5.29 -1.22 -4.34
CA GLY A 2 -5.38 -2.53 -4.96
C GLY A 2 -4.09 -3.32 -4.86
N GLU A 3 -3.42 -3.20 -3.72
CA GLU A 3 -2.17 -3.88 -3.48
C GLU A 3 -2.04 -4.16 -1.98
N SER A 4 -1.26 -5.16 -1.61
CA SER A 4 -1.11 -5.49 -0.19
C SER A 4 0.34 -5.76 0.16
N CYS A 5 0.77 -5.16 1.26
CA CYS A 5 2.12 -5.33 1.78
C CYS A 5 2.15 -6.45 2.80
N ALA A 6 1.38 -7.49 2.52
CA ALA A 6 1.27 -8.65 3.39
C ALA A 6 2.58 -9.40 3.54
N MET A 7 3.35 -9.46 2.47
CA MET A 7 4.63 -10.16 2.48
C MET A 7 5.74 -9.21 2.90
N ILE A 8 5.86 -8.12 2.18
CA ILE A 8 6.86 -7.10 2.47
C ILE A 8 6.17 -5.77 2.71
N SER A 9 6.64 -5.04 3.71
CA SER A 9 6.05 -3.74 4.05
C SER A 9 6.50 -2.67 3.06
N PHE A 10 6.38 -2.98 1.78
CA PHE A 10 6.74 -2.07 0.71
C PHE A 10 5.89 -2.39 -0.51
N CYS A 11 5.05 -1.46 -0.89
CA CYS A 11 4.18 -1.65 -2.04
C CYS A 11 4.78 -1.03 -3.29
N PHE A 12 4.43 -1.56 -4.44
CA PHE A 12 4.91 -1.03 -5.71
C PHE A 12 4.24 0.32 -5.97
N THR A 13 2.94 0.38 -5.68
CA THR A 13 2.18 1.62 -5.88
C THR A 13 2.48 2.61 -4.76
N GLU A 14 3.18 2.15 -3.74
CA GLU A 14 3.55 2.98 -2.60
C GLU A 14 4.60 4.01 -3.03
N VAL A 15 5.45 3.59 -3.95
CA VAL A 15 6.50 4.45 -4.47
C VAL A 15 5.94 5.71 -5.14
N ILE A 16 4.77 5.58 -5.77
CA ILE A 16 4.17 6.71 -6.45
C ILE A 16 3.20 7.52 -5.59
N GLY A 17 3.03 7.12 -4.33
CA GLY A 17 2.14 7.88 -3.46
C GLY A 17 1.47 7.07 -2.38
N CYS A 18 1.11 5.83 -2.70
CA CYS A 18 0.44 4.96 -1.71
C CYS A 18 1.32 4.68 -0.51
N SER A 19 0.74 4.09 0.53
CA SER A 19 1.47 3.77 1.74
C SER A 19 0.92 2.50 2.38
N CYS A 20 1.82 1.65 2.85
CA CYS A 20 1.44 0.40 3.50
C CYS A 20 0.72 0.68 4.81
N LYS A 21 -0.40 0.01 5.02
CA LYS A 21 -1.18 0.19 6.23
C LYS A 21 -1.93 -1.09 6.56
N ASN A 22 -1.62 -1.67 7.72
CA ASN A 22 -2.24 -2.91 8.20
C ASN A 22 -2.30 -3.98 7.11
N LYS A 23 -1.17 -4.19 6.42
CA LYS A 23 -1.04 -5.21 5.35
C LYS A 23 -1.64 -4.75 4.00
N VAL A 24 -2.46 -3.71 4.00
CA VAL A 24 -3.04 -3.24 2.73
C VAL A 24 -2.46 -1.88 2.33
N CYS A 25 -2.17 -1.74 1.04
CA CYS A 25 -1.62 -0.50 0.51
C CYS A 25 -2.75 0.49 0.23
N TYR A 26 -2.73 1.61 0.94
CA TYR A 26 -3.76 2.64 0.80
C TYR A 26 -3.16 3.99 0.44
N LEU A 27 -3.99 4.82 -0.16
CA LEU A 27 -3.62 6.18 -0.54
C LEU A 27 -4.74 7.11 -0.13
N ASN A 28 -4.53 7.84 0.96
CA ASN A 28 -5.54 8.75 1.49
C ASN A 28 -6.83 7.97 1.78
N SER A 29 -6.63 6.80 2.40
CA SER A 29 -7.71 5.88 2.76
C SER A 29 -8.31 5.16 1.55
N ILE A 30 -7.79 5.46 0.36
CA ILE A 30 -8.26 4.82 -0.86
C ILE A 30 -7.46 3.55 -1.12
N SER A 31 -8.16 2.48 -1.51
CA SER A 31 -7.53 1.21 -1.79
C SER A 31 -6.68 1.30 -3.06
N CYS A 1 -5.33 0.85 -2.94
CA CYS A 1 -4.48 0.88 -4.13
C CYS A 1 -4.48 -0.47 -4.82
N GLY A 2 -5.30 -1.40 -4.31
CA GLY A 2 -5.39 -2.72 -4.90
C GLY A 2 -4.08 -3.49 -4.78
N GLU A 3 -3.39 -3.28 -3.67
CA GLU A 3 -2.12 -3.94 -3.40
C GLU A 3 -2.02 -4.19 -1.91
N SER A 4 -1.26 -5.21 -1.52
CA SER A 4 -1.12 -5.52 -0.11
C SER A 4 0.32 -5.83 0.26
N CYS A 5 0.77 -5.21 1.34
CA CYS A 5 2.11 -5.41 1.86
C CYS A 5 2.11 -6.53 2.90
N ALA A 6 1.28 -7.52 2.63
CA ALA A 6 1.13 -8.68 3.52
C ALA A 6 2.40 -9.51 3.60
N MET A 7 3.14 -9.55 2.51
CA MET A 7 4.38 -10.32 2.45
C MET A 7 5.54 -9.47 2.91
N ILE A 8 5.68 -8.31 2.29
CA ILE A 8 6.74 -7.38 2.60
C ILE A 8 6.16 -5.99 2.80
N SER A 9 6.72 -5.24 3.74
CA SER A 9 6.26 -3.89 4.04
C SER A 9 6.76 -2.92 2.97
N PHE A 10 6.47 -3.25 1.73
CA PHE A 10 6.87 -2.43 0.60
C PHE A 10 5.87 -2.59 -0.53
N CYS A 11 5.19 -1.50 -0.86
CA CYS A 11 4.22 -1.49 -1.92
C CYS A 11 4.85 -0.98 -3.20
N PHE A 12 4.49 -1.58 -4.33
CA PHE A 12 5.03 -1.13 -5.59
C PHE A 12 4.42 0.22 -5.96
N THR A 13 3.18 0.43 -5.51
CA THR A 13 2.48 1.67 -5.81
C THR A 13 2.61 2.72 -4.70
N GLU A 14 3.36 2.43 -3.62
CA GLU A 14 3.50 3.43 -2.56
C GLU A 14 4.37 4.59 -3.03
N VAL A 15 5.29 4.29 -3.94
CA VAL A 15 6.17 5.32 -4.49
C VAL A 15 5.34 6.38 -5.22
N ILE A 16 4.22 5.95 -5.78
CA ILE A 16 3.32 6.84 -6.51
C ILE A 16 2.55 7.75 -5.55
N GLY A 17 2.29 7.24 -4.37
CA GLY A 17 1.56 8.02 -3.37
C GLY A 17 0.95 7.15 -2.30
N CYS A 18 0.78 5.87 -2.60
CA CYS A 18 0.20 4.91 -1.67
C CYS A 18 1.10 4.72 -0.44
N SER A 19 0.58 4.05 0.58
CA SER A 19 1.32 3.80 1.80
C SER A 19 0.84 2.50 2.44
N CYS A 20 1.77 1.66 2.86
CA CYS A 20 1.43 0.39 3.50
C CYS A 20 0.73 0.64 4.84
N LYS A 21 -0.43 0.05 5.01
CA LYS A 21 -1.18 0.20 6.24
C LYS A 21 -2.05 -1.03 6.48
N ASN A 22 -1.96 -1.60 7.68
CA ASN A 22 -2.72 -2.80 8.06
C ASN A 22 -2.65 -3.89 6.99
N LYS A 23 -1.43 -4.10 6.44
CA LYS A 23 -1.18 -5.12 5.42
C LYS A 23 -1.68 -4.71 4.02
N VAL A 24 -2.47 -3.65 3.93
CA VAL A 24 -2.97 -3.21 2.64
C VAL A 24 -2.39 -1.84 2.25
N CYS A 25 -2.07 -1.68 0.98
CA CYS A 25 -1.52 -0.42 0.48
C CYS A 25 -2.66 0.56 0.19
N TYR A 26 -2.64 1.72 0.87
CA TYR A 26 -3.67 2.73 0.67
C TYR A 26 -3.06 4.07 0.30
N LEU A 27 -3.71 4.75 -0.63
CA LEU A 27 -3.29 6.08 -1.06
C LEU A 27 -4.30 7.05 -0.48
N ASN A 28 -3.94 7.68 0.62
CA ASN A 28 -4.82 8.60 1.31
C ASN A 28 -6.09 7.86 1.73
N SER A 29 -5.87 6.66 2.29
CA SER A 29 -6.94 5.78 2.77
C SER A 29 -7.68 5.08 1.61
N ILE A 30 -7.30 5.39 0.37
CA ILE A 30 -7.94 4.75 -0.79
C ILE A 30 -7.21 3.46 -1.14
N SER A 31 -7.95 2.39 -1.33
CA SER A 31 -7.37 1.08 -1.67
C SER A 31 -6.62 1.15 -2.99
N CYS A 1 -5.48 0.96 -2.95
CA CYS A 1 -4.58 0.95 -4.10
C CYS A 1 -4.65 -0.39 -4.83
N GLY A 2 -5.40 -1.32 -4.25
CA GLY A 2 -5.53 -2.63 -4.85
C GLY A 2 -4.24 -3.42 -4.79
N GLU A 3 -3.51 -3.23 -3.70
CA GLU A 3 -2.24 -3.91 -3.47
C GLU A 3 -2.11 -4.20 -2.00
N SER A 4 -1.24 -5.12 -1.63
CA SER A 4 -1.08 -5.45 -0.22
C SER A 4 0.37 -5.75 0.13
N CYS A 5 0.81 -5.15 1.23
CA CYS A 5 2.17 -5.35 1.75
C CYS A 5 2.17 -6.52 2.72
N ALA A 6 1.38 -7.53 2.38
CA ALA A 6 1.23 -8.73 3.21
C ALA A 6 2.55 -9.49 3.37
N MET A 7 3.35 -9.48 2.32
CA MET A 7 4.62 -10.18 2.33
C MET A 7 5.72 -9.26 2.85
N ILE A 8 5.91 -8.17 2.13
CA ILE A 8 6.91 -7.17 2.48
C ILE A 8 6.22 -5.86 2.79
N SER A 9 6.69 -5.17 3.82
CA SER A 9 6.10 -3.89 4.23
C SER A 9 6.51 -2.75 3.28
N PHE A 10 6.40 -3.02 2.00
CA PHE A 10 6.71 -2.06 0.96
C PHE A 10 5.86 -2.35 -0.26
N CYS A 11 5.03 -1.39 -0.62
CA CYS A 11 4.15 -1.55 -1.76
C CYS A 11 4.80 -1.03 -3.03
N PHE A 12 4.47 -1.64 -4.15
CA PHE A 12 5.01 -1.22 -5.43
C PHE A 12 4.46 0.16 -5.76
N THR A 13 3.18 0.34 -5.48
CA THR A 13 2.51 1.61 -5.72
C THR A 13 2.80 2.62 -4.59
N GLU A 14 3.63 2.22 -3.63
CA GLU A 14 3.98 3.11 -2.52
C GLU A 14 4.75 4.32 -3.04
N VAL A 15 5.65 4.06 -3.99
CA VAL A 15 6.45 5.12 -4.60
C VAL A 15 5.56 6.09 -5.37
N ILE A 16 4.44 5.58 -5.88
CA ILE A 16 3.49 6.39 -6.64
C ILE A 16 2.75 7.38 -5.74
N GLY A 17 2.51 6.97 -4.52
CA GLY A 17 1.81 7.81 -3.57
C GLY A 17 1.17 7.03 -2.45
N CYS A 18 0.96 5.74 -2.69
CA CYS A 18 0.35 4.86 -1.71
C CYS A 18 1.30 4.59 -0.54
N SER A 19 0.76 3.97 0.50
CA SER A 19 1.55 3.64 1.66
C SER A 19 1.00 2.38 2.32
N CYS A 20 1.89 1.55 2.84
CA CYS A 20 1.51 0.31 3.49
C CYS A 20 0.73 0.60 4.77
N LYS A 21 -0.39 -0.08 4.95
CA LYS A 21 -1.21 0.14 6.13
C LYS A 21 -1.94 -1.15 6.49
N ASN A 22 -1.64 -1.69 7.66
CA ASN A 22 -2.24 -2.95 8.15
C ASN A 22 -2.27 -4.04 7.08
N LYS A 23 -1.15 -4.20 6.38
CA LYS A 23 -0.98 -5.21 5.32
C LYS A 23 -1.58 -4.79 3.97
N VAL A 24 -2.43 -3.76 3.94
CA VAL A 24 -3.01 -3.32 2.69
C VAL A 24 -2.47 -1.95 2.27
N CYS A 25 -2.22 -1.80 0.98
CA CYS A 25 -1.68 -0.55 0.45
C CYS A 25 -2.81 0.45 0.17
N TYR A 26 -2.75 1.60 0.83
CA TYR A 26 -3.77 2.64 0.67
C TYR A 26 -3.14 4.00 0.43
N LEU A 27 -3.89 4.88 -0.20
CA LEU A 27 -3.46 6.23 -0.47
C LEU A 27 -4.57 7.19 -0.10
N ASN A 28 -4.35 7.97 0.95
CA ASN A 28 -5.36 8.92 1.44
C ASN A 28 -6.67 8.17 1.73
N SER A 29 -6.54 7.03 2.38
CA SER A 29 -7.66 6.17 2.75
C SER A 29 -8.34 5.54 1.51
N ILE A 30 -7.62 5.53 0.40
CA ILE A 30 -8.13 4.95 -0.83
C ILE A 30 -7.41 3.64 -1.13
N SER A 31 -8.16 2.61 -1.51
CA SER A 31 -7.59 1.30 -1.79
C SER A 31 -6.74 1.34 -3.07
N CYS A 1 -5.34 0.95 -2.87
CA CYS A 1 -4.50 1.02 -4.06
C CYS A 1 -4.51 -0.30 -4.80
N GLY A 2 -5.35 -1.22 -4.34
CA GLY A 2 -5.46 -2.52 -4.97
C GLY A 2 -4.16 -3.32 -4.87
N GLU A 3 -3.49 -3.18 -3.74
CA GLU A 3 -2.23 -3.87 -3.50
C GLU A 3 -2.13 -4.15 -2.00
N SER A 4 -1.26 -5.06 -1.61
CA SER A 4 -1.10 -5.38 -0.21
C SER A 4 0.34 -5.71 0.13
N CYS A 5 0.81 -5.13 1.23
CA CYS A 5 2.15 -5.36 1.73
C CYS A 5 2.14 -6.52 2.71
N ALA A 6 1.32 -7.52 2.38
CA ALA A 6 1.15 -8.72 3.19
C ALA A 6 2.45 -9.53 3.29
N MET A 7 3.25 -9.48 2.26
CA MET A 7 4.51 -10.21 2.23
C MET A 7 5.63 -9.38 2.84
N ILE A 8 5.81 -8.21 2.26
CA ILE A 8 6.83 -7.26 2.71
C ILE A 8 6.19 -5.90 2.91
N SER A 9 6.67 -5.15 3.90
CA SER A 9 6.15 -3.83 4.19
C SER A 9 6.64 -2.80 3.17
N PHE A 10 6.45 -3.13 1.91
CA PHE A 10 6.83 -2.28 0.80
C PHE A 10 5.90 -2.54 -0.36
N CYS A 11 5.15 -1.53 -0.73
CA CYS A 11 4.21 -1.65 -1.84
C CYS A 11 4.84 -1.13 -3.12
N PHE A 12 4.44 -1.71 -4.23
CA PHE A 12 4.94 -1.27 -5.52
C PHE A 12 4.37 0.10 -5.85
N THR A 13 3.09 0.27 -5.51
CA THR A 13 2.38 1.52 -5.77
C THR A 13 2.63 2.59 -4.70
N GLU A 14 3.37 2.26 -3.64
CA GLU A 14 3.61 3.26 -2.60
C GLU A 14 4.59 4.33 -3.07
N VAL A 15 5.52 3.95 -3.93
CA VAL A 15 6.49 4.90 -4.48
C VAL A 15 5.77 5.97 -5.31
N ILE A 16 4.58 5.62 -5.79
CA ILE A 16 3.77 6.52 -6.59
C ILE A 16 3.03 7.52 -5.70
N GLY A 17 2.70 7.07 -4.50
CA GLY A 17 1.99 7.93 -3.56
C GLY A 17 1.37 7.15 -2.43
N CYS A 18 1.01 5.90 -2.70
CA CYS A 18 0.37 5.03 -1.71
C CYS A 18 1.29 4.76 -0.52
N SER A 19 0.74 4.14 0.51
CA SER A 19 1.50 3.83 1.72
C SER A 19 0.97 2.55 2.36
N CYS A 20 1.88 1.67 2.77
CA CYS A 20 1.51 0.41 3.41
C CYS A 20 0.84 0.66 4.76
N LYS A 21 -0.32 0.05 4.96
CA LYS A 21 -1.06 0.20 6.21
C LYS A 21 -1.88 -1.05 6.48
N ASN A 22 -1.73 -1.62 7.67
CA ASN A 22 -2.44 -2.85 8.08
C ASN A 22 -2.39 -3.94 7.00
N LYS A 23 -1.19 -4.09 6.38
CA LYS A 23 -0.95 -5.10 5.35
C LYS A 23 -1.54 -4.70 3.98
N VAL A 24 -2.36 -3.66 3.94
CA VAL A 24 -2.94 -3.22 2.69
C VAL A 24 -2.37 -1.86 2.26
N CYS A 25 -2.11 -1.70 0.97
CA CYS A 25 -1.58 -0.44 0.47
C CYS A 25 -2.71 0.57 0.26
N TYR A 26 -2.64 1.69 0.98
CA TYR A 26 -3.68 2.71 0.89
C TYR A 26 -3.13 4.05 0.41
N LEU A 27 -3.99 4.82 -0.21
CA LEU A 27 -3.67 6.15 -0.70
C LEU A 27 -4.77 7.09 -0.26
N ASN A 28 -4.53 7.83 0.82
CA ASN A 28 -5.52 8.75 1.37
C ASN A 28 -6.80 7.96 1.71
N SER A 29 -6.60 6.84 2.40
CA SER A 29 -7.68 5.93 2.82
C SER A 29 -8.26 5.13 1.66
N ILE A 30 -7.82 5.43 0.43
CA ILE A 30 -8.31 4.71 -0.75
C ILE A 30 -7.46 3.48 -1.02
N SER A 31 -8.10 2.36 -1.32
CA SER A 31 -7.40 1.12 -1.61
C SER A 31 -6.65 1.23 -2.93
N CYS A 1 -5.20 1.10 -2.89
CA CYS A 1 -4.36 1.11 -4.07
C CYS A 1 -4.38 -0.25 -4.75
N GLY A 2 -5.21 -1.15 -4.22
CA GLY A 2 -5.34 -2.48 -4.79
C GLY A 2 -4.07 -3.30 -4.71
N GLU A 3 -3.40 -3.24 -3.57
CA GLU A 3 -2.17 -3.98 -3.36
C GLU A 3 -2.03 -4.32 -1.88
N SER A 4 -1.39 -5.44 -1.58
CA SER A 4 -1.23 -5.86 -0.20
C SER A 4 0.24 -6.06 0.16
N CYS A 5 0.65 -5.39 1.24
CA CYS A 5 2.02 -5.50 1.75
C CYS A 5 2.10 -6.61 2.79
N ALA A 6 1.33 -7.66 2.55
CA ALA A 6 1.26 -8.81 3.45
C ALA A 6 2.61 -9.49 3.64
N MET A 7 3.42 -9.47 2.60
CA MET A 7 4.73 -10.10 2.63
C MET A 7 5.78 -9.13 3.15
N ILE A 8 5.87 -8.01 2.49
CA ILE A 8 6.82 -6.97 2.86
C ILE A 8 6.11 -5.62 2.96
N SER A 9 6.50 -4.82 3.93
CA SER A 9 5.91 -3.51 4.15
C SER A 9 6.42 -2.50 3.13
N PHE A 10 6.30 -2.87 1.86
CA PHE A 10 6.71 -2.04 0.75
C PHE A 10 5.82 -2.34 -0.43
N CYS A 11 5.08 -1.36 -0.87
CA CYS A 11 4.16 -1.52 -1.97
C CYS A 11 4.80 -1.11 -3.29
N PHE A 12 4.41 -1.75 -4.38
CA PHE A 12 4.92 -1.39 -5.69
C PHE A 12 4.37 -0.02 -6.07
N THR A 13 3.11 0.21 -5.69
CA THR A 13 2.45 1.47 -5.95
C THR A 13 2.80 2.51 -4.88
N GLU A 14 3.70 2.15 -3.97
CA GLU A 14 4.13 3.06 -2.91
C GLU A 14 4.85 4.26 -3.50
N VAL A 15 5.60 4.02 -4.57
CA VAL A 15 6.36 5.06 -5.26
C VAL A 15 5.46 6.20 -5.75
N ILE A 16 4.22 5.90 -6.11
CA ILE A 16 3.32 6.93 -6.60
C ILE A 16 2.73 7.75 -5.46
N GLY A 17 2.81 7.22 -4.25
CA GLY A 17 2.27 7.93 -3.10
C GLY A 17 1.64 7.02 -2.07
N CYS A 18 1.22 5.83 -2.51
CA CYS A 18 0.58 4.87 -1.62
C CYS A 18 1.49 4.49 -0.46
N SER A 19 0.91 3.96 0.60
CA SER A 19 1.68 3.56 1.77
C SER A 19 1.06 2.34 2.42
N CYS A 20 1.90 1.38 2.79
CA CYS A 20 1.46 0.16 3.43
C CYS A 20 0.70 0.45 4.73
N LYS A 21 -0.43 -0.22 4.92
CA LYS A 21 -1.24 -0.03 6.12
C LYS A 21 -2.01 -1.30 6.43
N ASN A 22 -1.74 -1.87 7.60
CA ASN A 22 -2.40 -3.12 8.05
C ASN A 22 -2.48 -4.17 6.94
N LYS A 23 -1.33 -4.39 6.28
CA LYS A 23 -1.20 -5.38 5.19
C LYS A 23 -1.78 -4.89 3.85
N VAL A 24 -2.53 -3.79 3.85
CA VAL A 24 -3.09 -3.27 2.60
C VAL A 24 -2.52 -1.90 2.26
N CYS A 25 -2.16 -1.72 1.00
CA CYS A 25 -1.61 -0.46 0.53
C CYS A 25 -2.73 0.57 0.33
N TYR A 26 -2.64 1.69 1.03
CA TYR A 26 -3.66 2.73 0.93
C TYR A 26 -3.06 4.10 0.61
N LEU A 27 -3.87 4.93 -0.04
CA LEU A 27 -3.50 6.28 -0.40
C LEU A 27 -4.66 7.20 -0.06
N ASN A 28 -4.52 7.97 1.03
CA ASN A 28 -5.57 8.87 1.49
C ASN A 28 -6.88 8.10 1.69
N SER A 29 -6.78 7.00 2.42
CA SER A 29 -7.93 6.12 2.72
C SER A 29 -8.40 5.33 1.49
N ILE A 30 -7.85 5.63 0.33
CA ILE A 30 -8.22 4.93 -0.90
C ILE A 30 -7.35 3.69 -1.09
N SER A 31 -7.97 2.58 -1.42
CA SER A 31 -7.25 1.34 -1.64
C SER A 31 -6.49 1.40 -2.95
N CYS A 1 -5.45 1.00 -2.85
CA CYS A 1 -4.62 0.98 -4.05
C CYS A 1 -4.68 -0.38 -4.73
N GLY A 2 -5.42 -1.29 -4.12
CA GLY A 2 -5.57 -2.63 -4.68
C GLY A 2 -4.26 -3.41 -4.66
N GLU A 3 -3.52 -3.27 -3.58
CA GLU A 3 -2.25 -3.96 -3.40
C GLU A 3 -2.08 -4.28 -1.92
N SER A 4 -1.35 -5.33 -1.61
CA SER A 4 -1.17 -5.73 -0.22
C SER A 4 0.31 -5.96 0.12
N CYS A 5 0.73 -5.35 1.21
CA CYS A 5 2.09 -5.48 1.71
C CYS A 5 2.15 -6.60 2.75
N ALA A 6 1.39 -7.66 2.48
CA ALA A 6 1.29 -8.81 3.37
C ALA A 6 2.63 -9.50 3.56
N MET A 7 3.42 -9.55 2.50
CA MET A 7 4.74 -10.19 2.56
C MET A 7 5.79 -9.20 3.00
N ILE A 8 5.93 -8.15 2.21
CA ILE A 8 6.90 -7.10 2.51
C ILE A 8 6.16 -5.80 2.77
N SER A 9 6.57 -5.07 3.80
CA SER A 9 5.94 -3.80 4.16
C SER A 9 6.37 -2.68 3.21
N PHE A 10 6.27 -2.96 1.93
CA PHE A 10 6.62 -2.00 0.89
C PHE A 10 5.75 -2.29 -0.33
N CYS A 11 4.97 -1.32 -0.72
CA CYS A 11 4.08 -1.47 -1.85
C CYS A 11 4.76 -0.99 -3.13
N PHE A 12 4.41 -1.59 -4.26
CA PHE A 12 4.97 -1.19 -5.53
C PHE A 12 4.45 0.20 -5.87
N THR A 13 3.19 0.43 -5.58
CA THR A 13 2.56 1.72 -5.83
C THR A 13 2.84 2.70 -4.68
N GLU A 14 3.67 2.29 -3.73
CA GLU A 14 4.03 3.13 -2.60
C GLU A 14 4.78 4.37 -3.07
N VAL A 15 5.73 4.16 -3.97
CA VAL A 15 6.52 5.24 -4.52
C VAL A 15 5.66 6.23 -5.31
N ILE A 16 4.51 5.75 -5.78
CA ILE A 16 3.58 6.58 -6.53
C ILE A 16 2.80 7.51 -5.62
N GLY A 17 2.53 7.04 -4.41
CA GLY A 17 1.79 7.83 -3.45
C GLY A 17 1.19 6.98 -2.36
N CYS A 18 0.95 5.72 -2.66
CA CYS A 18 0.37 4.78 -1.70
C CYS A 18 1.35 4.47 -0.56
N SER A 19 0.84 3.86 0.49
CA SER A 19 1.66 3.50 1.64
C SER A 19 1.08 2.27 2.30
N CYS A 20 1.96 1.39 2.77
CA CYS A 20 1.54 0.16 3.43
C CYS A 20 0.74 0.47 4.70
N LYS A 21 -0.45 -0.10 4.80
CA LYS A 21 -1.30 0.12 5.95
C LYS A 21 -1.98 -1.17 6.36
N ASN A 22 -1.58 -1.69 7.52
CA ASN A 22 -2.11 -2.95 8.07
C ASN A 22 -2.21 -4.04 7.00
N LYS A 23 -1.10 -4.24 6.27
CA LYS A 23 -0.99 -5.26 5.21
C LYS A 23 -1.65 -4.83 3.90
N VAL A 24 -2.44 -3.77 3.90
CA VAL A 24 -3.09 -3.32 2.67
C VAL A 24 -2.57 -1.93 2.27
N CYS A 25 -2.22 -1.78 1.00
CA CYS A 25 -1.71 -0.52 0.50
C CYS A 25 -2.84 0.50 0.29
N TYR A 26 -2.70 1.65 0.95
CA TYR A 26 -3.71 2.71 0.84
C TYR A 26 -3.07 4.02 0.42
N LEU A 27 -3.88 4.86 -0.20
CA LEU A 27 -3.46 6.19 -0.65
C LEU A 27 -4.56 7.16 -0.28
N ASN A 28 -4.32 7.94 0.77
CA ASN A 28 -5.32 8.90 1.25
C ASN A 28 -6.63 8.20 1.56
N SER A 29 -6.52 7.08 2.29
CA SER A 29 -7.66 6.25 2.70
C SER A 29 -8.25 5.45 1.52
N ILE A 30 -7.76 5.69 0.32
CA ILE A 30 -8.25 4.97 -0.86
C ILE A 30 -7.44 3.69 -1.08
N SER A 31 -8.13 2.60 -1.34
CA SER A 31 -7.48 1.31 -1.58
C SER A 31 -6.73 1.32 -2.91
N CYS A 1 -5.14 1.07 -2.95
CA CYS A 1 -4.23 1.08 -4.08
C CYS A 1 -4.20 -0.29 -4.75
N GLY A 2 -5.04 -1.20 -4.26
CA GLY A 2 -5.09 -2.54 -4.82
C GLY A 2 -3.76 -3.24 -4.68
N GLU A 3 -3.08 -2.97 -3.58
CA GLU A 3 -1.79 -3.54 -3.28
C GLU A 3 -1.78 -4.06 -1.85
N SER A 4 -1.08 -5.16 -1.62
CA SER A 4 -1.03 -5.75 -0.30
C SER A 4 0.41 -5.98 0.16
N CYS A 5 0.76 -5.37 1.27
CA CYS A 5 2.09 -5.52 1.85
C CYS A 5 2.05 -6.56 2.96
N ALA A 6 1.27 -7.62 2.71
CA ALA A 6 1.11 -8.71 3.68
C ALA A 6 2.41 -9.47 3.93
N MET A 7 3.17 -9.66 2.88
CA MET A 7 4.43 -10.39 2.97
C MET A 7 5.57 -9.43 3.31
N ILE A 8 5.73 -8.44 2.45
CA ILE A 8 6.75 -7.43 2.63
C ILE A 8 6.11 -6.07 2.77
N SER A 9 6.63 -5.25 3.67
CA SER A 9 6.09 -3.91 3.90
C SER A 9 6.59 -2.96 2.81
N PHE A 10 6.35 -3.35 1.57
CA PHE A 10 6.75 -2.58 0.41
C PHE A 10 5.67 -2.70 -0.66
N CYS A 11 5.11 -1.56 -1.04
CA CYS A 11 4.06 -1.53 -2.04
C CYS A 11 4.65 -1.21 -3.40
N PHE A 12 4.21 -1.92 -4.42
CA PHE A 12 4.70 -1.67 -5.77
C PHE A 12 4.33 -0.26 -6.20
N THR A 13 3.18 0.22 -5.73
CA THR A 13 2.71 1.54 -6.10
C THR A 13 2.87 2.58 -4.98
N GLU A 14 3.67 2.31 -3.95
CA GLU A 14 3.83 3.30 -2.87
C GLU A 14 4.52 4.55 -3.40
N VAL A 15 5.34 4.38 -4.43
CA VAL A 15 6.06 5.48 -5.04
C VAL A 15 5.13 6.59 -5.55
N ILE A 16 3.89 6.24 -5.88
CA ILE A 16 2.93 7.23 -6.38
C ILE A 16 2.22 7.94 -5.22
N GLY A 17 2.42 7.47 -4.01
CA GLY A 17 1.79 8.08 -2.86
C GLY A 17 1.23 7.09 -1.87
N CYS A 18 1.00 5.86 -2.33
CA CYS A 18 0.45 4.81 -1.47
C CYS A 18 1.35 4.53 -0.28
N SER A 19 0.75 3.99 0.76
CA SER A 19 1.48 3.66 1.97
C SER A 19 0.96 2.36 2.56
N CYS A 20 1.88 1.51 3.00
CA CYS A 20 1.53 0.23 3.60
C CYS A 20 0.87 0.44 4.96
N LYS A 21 -0.27 -0.18 5.17
CA LYS A 21 -0.98 -0.03 6.42
C LYS A 21 -1.79 -1.29 6.72
N ASN A 22 -1.49 -1.92 7.85
CA ASN A 22 -2.17 -3.15 8.29
C ASN A 22 -2.31 -4.18 7.16
N LYS A 23 -1.20 -4.40 6.43
CA LYS A 23 -1.16 -5.37 5.32
C LYS A 23 -1.70 -4.82 3.99
N VAL A 24 -2.48 -3.74 4.02
CA VAL A 24 -3.01 -3.20 2.77
C VAL A 24 -2.42 -1.83 2.44
N CYS A 25 -2.07 -1.63 1.19
CA CYS A 25 -1.51 -0.37 0.73
C CYS A 25 -2.61 0.59 0.29
N TYR A 26 -2.70 1.73 0.97
CA TYR A 26 -3.71 2.72 0.66
C TYR A 26 -3.09 4.08 0.39
N LEU A 27 -3.82 4.90 -0.35
CA LEU A 27 -3.40 6.25 -0.69
C LEU A 27 -4.57 7.18 -0.40
N ASN A 28 -4.42 7.99 0.66
CA ASN A 28 -5.47 8.92 1.07
C ASN A 28 -6.77 8.17 1.33
N SER A 29 -6.64 7.04 2.04
CA SER A 29 -7.78 6.18 2.40
C SER A 29 -8.31 5.39 1.20
N ILE A 30 -7.76 5.65 0.02
CA ILE A 30 -8.18 4.95 -1.18
C ILE A 30 -7.33 3.68 -1.37
N SER A 31 -7.98 2.56 -1.65
CA SER A 31 -7.27 1.31 -1.84
C SER A 31 -6.42 1.36 -3.10
N CYS A 1 -5.47 0.96 -2.71
CA CYS A 1 -4.64 0.97 -3.91
C CYS A 1 -4.67 -0.38 -4.60
N GLY A 2 -5.45 -1.31 -4.05
CA GLY A 2 -5.52 -2.65 -4.62
C GLY A 2 -4.17 -3.31 -4.61
N GLU A 3 -3.41 -3.01 -3.57
CA GLU A 3 -2.07 -3.51 -3.38
C GLU A 3 -1.90 -3.94 -1.93
N SER A 4 -1.15 -4.98 -1.68
CA SER A 4 -0.98 -5.46 -0.31
C SER A 4 0.47 -5.71 0.04
N CYS A 5 0.89 -5.14 1.16
CA CYS A 5 2.23 -5.30 1.69
C CYS A 5 2.24 -6.46 2.67
N ALA A 6 1.46 -7.48 2.35
CA ALA A 6 1.32 -8.67 3.19
C ALA A 6 2.63 -9.43 3.34
N MET A 7 3.44 -9.41 2.30
CA MET A 7 4.72 -10.12 2.31
C MET A 7 5.81 -9.22 2.85
N ILE A 8 5.95 -8.08 2.22
CA ILE A 8 6.93 -7.09 2.61
C ILE A 8 6.25 -5.74 2.80
N SER A 9 6.68 -4.98 3.80
CA SER A 9 6.10 -3.68 4.09
C SER A 9 6.54 -2.62 3.07
N PHE A 10 6.46 -2.99 1.81
CA PHE A 10 6.82 -2.10 0.71
C PHE A 10 6.04 -2.50 -0.53
N CYS A 11 5.16 -1.63 -0.95
CA CYS A 11 4.32 -1.86 -2.12
C CYS A 11 4.95 -1.29 -3.38
N PHE A 12 4.54 -1.83 -4.53
CA PHE A 12 5.05 -1.34 -5.80
C PHE A 12 4.49 0.06 -6.04
N THR A 13 3.21 0.22 -5.75
CA THR A 13 2.52 1.50 -5.93
C THR A 13 2.77 2.43 -4.74
N GLU A 14 3.63 2.01 -3.82
CA GLU A 14 3.94 2.81 -2.64
C GLU A 14 4.71 4.07 -3.04
N VAL A 15 5.71 3.89 -3.89
CA VAL A 15 6.53 5.00 -4.37
C VAL A 15 5.67 6.00 -5.16
N ILE A 16 4.54 5.54 -5.66
CA ILE A 16 3.64 6.37 -6.44
C ILE A 16 2.86 7.31 -5.53
N GLY A 17 2.61 6.87 -4.31
CA GLY A 17 1.88 7.68 -3.36
C GLY A 17 1.23 6.85 -2.27
N CYS A 18 0.96 5.58 -2.58
CA CYS A 18 0.32 4.69 -1.62
C CYS A 18 1.22 4.43 -0.42
N SER A 19 0.62 3.98 0.66
CA SER A 19 1.36 3.69 1.88
C SER A 19 0.85 2.40 2.52
N CYS A 20 1.78 1.57 2.99
CA CYS A 20 1.43 0.30 3.62
C CYS A 20 0.72 0.52 4.95
N LYS A 21 -0.47 -0.07 5.10
CA LYS A 21 -1.23 0.07 6.32
C LYS A 21 -2.09 -1.18 6.51
N ASN A 22 -1.95 -1.83 7.66
CA ASN A 22 -2.69 -3.05 7.99
C ASN A 22 -2.61 -4.10 6.86
N LYS A 23 -1.40 -4.24 6.28
CA LYS A 23 -1.14 -5.21 5.21
C LYS A 23 -1.63 -4.73 3.83
N VAL A 24 -2.45 -3.69 3.81
CA VAL A 24 -2.96 -3.18 2.54
C VAL A 24 -2.46 -1.76 2.29
N CYS A 25 -2.02 -1.46 1.08
CA CYS A 25 -1.55 -0.13 0.77
C CYS A 25 -2.71 0.79 0.38
N TYR A 26 -2.77 1.94 1.05
CA TYR A 26 -3.83 2.91 0.81
C TYR A 26 -3.25 4.24 0.37
N LEU A 27 -4.03 4.96 -0.42
CA LEU A 27 -3.67 6.29 -0.91
C LEU A 27 -4.75 7.24 -0.44
N ASN A 28 -4.47 7.96 0.63
CA ASN A 28 -5.44 8.91 1.19
C ASN A 28 -6.71 8.15 1.58
N SER A 29 -6.52 7.04 2.28
CA SER A 29 -7.60 6.16 2.75
C SER A 29 -8.21 5.34 1.60
N ILE A 30 -7.79 5.59 0.37
CA ILE A 30 -8.32 4.86 -0.77
C ILE A 30 -7.50 3.59 -1.02
N SER A 31 -8.18 2.46 -1.18
CA SER A 31 -7.51 1.19 -1.43
C SER A 31 -6.77 1.24 -2.76
N CYS A 1 -5.21 1.06 -2.92
CA CYS A 1 -4.22 1.14 -3.99
C CYS A 1 -4.16 -0.17 -4.75
N GLY A 2 -5.01 -1.12 -4.37
CA GLY A 2 -5.00 -2.42 -5.03
C GLY A 2 -3.67 -3.11 -4.89
N GLU A 3 -3.12 -3.02 -3.68
CA GLU A 3 -1.82 -3.60 -3.36
C GLU A 3 -1.82 -4.02 -1.90
N SER A 4 -1.08 -5.07 -1.59
CA SER A 4 -1.01 -5.56 -0.22
C SER A 4 0.42 -5.84 0.20
N CYS A 5 0.81 -5.26 1.32
CA CYS A 5 2.14 -5.43 1.88
C CYS A 5 2.11 -6.56 2.91
N ALA A 6 1.33 -7.59 2.59
CA ALA A 6 1.16 -8.74 3.47
C ALA A 6 2.46 -9.48 3.74
N MET A 7 3.24 -9.67 2.69
CA MET A 7 4.51 -10.37 2.80
C MET A 7 5.63 -9.40 3.12
N ILE A 8 5.81 -8.45 2.23
CA ILE A 8 6.85 -7.43 2.39
C ILE A 8 6.22 -6.08 2.64
N SER A 9 6.80 -5.31 3.57
CA SER A 9 6.30 -3.99 3.90
C SER A 9 6.74 -2.97 2.86
N PHE A 10 6.46 -3.29 1.61
CA PHE A 10 6.81 -2.45 0.48
C PHE A 10 5.82 -2.64 -0.64
N CYS A 11 5.09 -1.58 -0.96
CA CYS A 11 4.11 -1.62 -2.04
C CYS A 11 4.72 -1.08 -3.32
N PHE A 12 4.47 -1.73 -4.44
CA PHE A 12 5.00 -1.25 -5.71
C PHE A 12 4.33 0.06 -6.11
N THR A 13 3.15 0.31 -5.54
CA THR A 13 2.39 1.51 -5.84
C THR A 13 2.55 2.59 -4.77
N GLU A 14 3.21 2.28 -3.66
CA GLU A 14 3.36 3.28 -2.61
C GLU A 14 4.32 4.38 -3.04
N VAL A 15 5.32 4.02 -3.84
CA VAL A 15 6.28 4.99 -4.34
C VAL A 15 5.61 6.02 -5.25
N ILE A 16 4.47 5.63 -5.82
CA ILE A 16 3.71 6.51 -6.69
C ILE A 16 2.90 7.51 -5.87
N GLY A 17 2.42 7.04 -4.73
CA GLY A 17 1.64 7.88 -3.85
C GLY A 17 0.73 7.07 -2.94
N CYS A 18 1.27 6.01 -2.36
CA CYS A 18 0.52 5.15 -1.47
C CYS A 18 1.32 4.88 -0.21
N SER A 19 0.72 4.17 0.73
CA SER A 19 1.39 3.84 1.98
C SER A 19 0.88 2.52 2.54
N CYS A 20 1.80 1.65 2.96
CA CYS A 20 1.44 0.36 3.53
C CYS A 20 0.77 0.55 4.88
N LYS A 21 -0.35 -0.12 5.10
CA LYS A 21 -1.07 0.01 6.35
C LYS A 21 -1.83 -1.27 6.66
N ASN A 22 -1.53 -1.87 7.82
CA ASN A 22 -2.17 -3.11 8.27
C ASN A 22 -2.31 -4.14 7.15
N LYS A 23 -1.20 -4.38 6.44
CA LYS A 23 -1.12 -5.35 5.34
C LYS A 23 -1.68 -4.83 4.01
N VAL A 24 -2.47 -3.77 4.02
CA VAL A 24 -3.02 -3.24 2.78
C VAL A 24 -2.49 -1.84 2.47
N CYS A 25 -2.14 -1.63 1.21
CA CYS A 25 -1.60 -0.34 0.77
C CYS A 25 -2.74 0.59 0.35
N TYR A 26 -2.78 1.76 0.98
CA TYR A 26 -3.81 2.75 0.70
C TYR A 26 -3.21 4.13 0.43
N LEU A 27 -3.99 4.96 -0.26
CA LEU A 27 -3.60 6.32 -0.57
C LEU A 27 -4.75 7.24 -0.17
N ASN A 28 -4.54 8.02 0.87
CA ASN A 28 -5.57 8.93 1.37
C ASN A 28 -6.88 8.16 1.64
N SER A 29 -6.74 7.00 2.29
CA SER A 29 -7.87 6.13 2.62
C SER A 29 -8.49 5.48 1.37
N ILE A 30 -7.75 5.47 0.27
CA ILE A 30 -8.22 4.85 -0.96
C ILE A 30 -7.40 3.60 -1.27
N SER A 31 -8.08 2.51 -1.63
CA SER A 31 -7.42 1.25 -1.92
C SER A 31 -6.49 1.38 -3.13
N CYS A 1 -5.27 1.04 -2.91
CA CYS A 1 -4.38 1.10 -4.06
C CYS A 1 -4.36 -0.22 -4.82
N GLY A 2 -5.20 -1.16 -4.38
CA GLY A 2 -5.25 -2.47 -5.02
C GLY A 2 -3.91 -3.16 -4.92
N GLU A 3 -3.26 -2.97 -3.78
CA GLU A 3 -1.95 -3.53 -3.51
C GLU A 3 -1.91 -3.96 -2.05
N SER A 4 -1.11 -4.97 -1.75
CA SER A 4 -1.03 -5.45 -0.38
C SER A 4 0.42 -5.72 0.04
N CYS A 5 0.78 -5.18 1.18
CA CYS A 5 2.10 -5.37 1.76
C CYS A 5 2.02 -6.53 2.73
N ALA A 6 1.30 -7.56 2.30
CA ALA A 6 1.06 -8.76 3.08
C ALA A 6 2.33 -9.46 3.51
N MET A 7 3.29 -9.54 2.61
CA MET A 7 4.56 -10.19 2.89
C MET A 7 5.56 -9.21 3.47
N ILE A 8 5.88 -8.20 2.68
CA ILE A 8 6.83 -7.18 3.09
C ILE A 8 6.15 -5.81 3.10
N SER A 9 6.61 -4.94 3.97
CA SER A 9 6.08 -3.59 4.10
C SER A 9 6.59 -2.70 2.96
N PHE A 10 6.38 -3.16 1.74
CA PHE A 10 6.80 -2.45 0.55
C PHE A 10 5.78 -2.65 -0.56
N CYS A 11 5.09 -1.58 -0.92
CA CYS A 11 4.09 -1.63 -1.97
C CYS A 11 4.71 -1.21 -3.29
N PHE A 12 4.38 -1.92 -4.36
CA PHE A 12 4.90 -1.57 -5.66
C PHE A 12 4.37 -0.19 -6.08
N THR A 13 3.16 0.10 -5.62
CA THR A 13 2.50 1.36 -5.94
C THR A 13 2.70 2.45 -4.86
N GLU A 14 3.52 2.19 -3.85
CA GLU A 14 3.72 3.22 -2.82
C GLU A 14 4.53 4.39 -3.36
N VAL A 15 5.34 4.12 -4.38
CA VAL A 15 6.17 5.15 -4.99
C VAL A 15 5.34 6.31 -5.56
N ILE A 16 4.10 6.02 -5.95
CA ILE A 16 3.23 7.06 -6.52
C ILE A 16 2.52 7.86 -5.41
N GLY A 17 2.53 7.32 -4.21
CA GLY A 17 1.88 8.01 -3.10
C GLY A 17 1.31 7.05 -2.07
N CYS A 18 1.00 5.84 -2.50
CA CYS A 18 0.42 4.82 -1.62
C CYS A 18 1.35 4.51 -0.45
N SER A 19 0.80 3.87 0.57
CA SER A 19 1.57 3.51 1.75
C SER A 19 1.00 2.25 2.39
N CYS A 20 1.89 1.44 2.96
CA CYS A 20 1.49 0.20 3.62
C CYS A 20 0.71 0.51 4.90
N LYS A 21 -0.44 -0.11 5.05
CA LYS A 21 -1.28 0.11 6.22
C LYS A 21 -2.04 -1.16 6.56
N ASN A 22 -1.70 -1.75 7.70
CA ASN A 22 -2.30 -3.01 8.18
C ASN A 22 -2.33 -4.09 7.09
N LYS A 23 -1.19 -4.23 6.38
CA LYS A 23 -1.01 -5.23 5.32
C LYS A 23 -1.64 -4.80 3.98
N VAL A 24 -2.48 -3.79 3.99
CA VAL A 24 -3.08 -3.30 2.75
C VAL A 24 -2.52 -1.93 2.39
N CYS A 25 -2.20 -1.73 1.12
CA CYS A 25 -1.66 -0.45 0.68
C CYS A 25 -2.76 0.54 0.34
N TYR A 26 -2.71 1.70 0.98
CA TYR A 26 -3.71 2.74 0.76
C TYR A 26 -3.08 4.08 0.38
N LEU A 27 -3.86 4.87 -0.33
CA LEU A 27 -3.47 6.21 -0.75
C LEU A 27 -4.56 7.16 -0.28
N ASN A 28 -4.30 7.83 0.84
CA ASN A 28 -5.27 8.75 1.42
C ASN A 28 -6.57 7.98 1.73
N SER A 29 -6.39 6.82 2.36
CA SER A 29 -7.50 5.93 2.74
C SER A 29 -8.10 5.19 1.55
N ILE A 30 -7.63 5.50 0.34
CA ILE A 30 -8.14 4.84 -0.86
C ILE A 30 -7.33 3.56 -1.15
N SER A 31 -8.02 2.47 -1.43
CA SER A 31 -7.36 1.21 -1.72
C SER A 31 -6.56 1.33 -3.01
N CYS A 1 -5.50 0.91 -2.73
CA CYS A 1 -4.67 0.90 -3.93
C CYS A 1 -4.72 -0.44 -4.61
N GLY A 2 -5.49 -1.37 -4.04
CA GLY A 2 -5.59 -2.70 -4.61
C GLY A 2 -4.23 -3.37 -4.61
N GLU A 3 -3.47 -3.05 -3.58
CA GLU A 3 -2.12 -3.55 -3.38
C GLU A 3 -1.95 -3.93 -1.93
N SER A 4 -1.18 -4.97 -1.66
CA SER A 4 -1.01 -5.40 -0.28
C SER A 4 0.45 -5.70 0.05
N CYS A 5 0.89 -5.13 1.16
CA CYS A 5 2.23 -5.34 1.67
C CYS A 5 2.21 -6.52 2.64
N ALA A 6 1.41 -7.51 2.27
CA ALA A 6 1.22 -8.72 3.07
C ALA A 6 2.51 -9.50 3.29
N MET A 7 3.35 -9.51 2.28
CA MET A 7 4.62 -10.23 2.36
C MET A 7 5.70 -9.33 2.92
N ILE A 8 5.92 -8.23 2.26
CA ILE A 8 6.91 -7.24 2.67
C ILE A 8 6.25 -5.89 2.82
N SER A 9 6.71 -5.11 3.79
CA SER A 9 6.16 -3.79 4.05
C SER A 9 6.62 -2.78 3.00
N PHE A 10 6.49 -3.15 1.75
CA PHE A 10 6.87 -2.31 0.63
C PHE A 10 6.03 -2.66 -0.59
N CYS A 11 5.18 -1.74 -0.97
CA CYS A 11 4.31 -1.91 -2.12
C CYS A 11 4.93 -1.29 -3.36
N PHE A 12 4.66 -1.86 -4.52
CA PHE A 12 5.21 -1.32 -5.76
C PHE A 12 4.54 0.01 -6.12
N THR A 13 3.32 0.21 -5.62
CA THR A 13 2.57 1.42 -5.90
C THR A 13 2.63 2.43 -4.74
N GLU A 14 3.38 2.14 -3.70
CA GLU A 14 3.45 3.08 -2.57
C GLU A 14 4.39 4.23 -2.90
N VAL A 15 5.44 3.95 -3.64
CA VAL A 15 6.41 4.97 -4.04
C VAL A 15 5.76 6.12 -4.79
N ILE A 16 4.65 5.86 -5.48
CA ILE A 16 3.97 6.90 -6.24
C ILE A 16 2.83 7.56 -5.47
N GLY A 17 2.64 7.20 -4.20
CA GLY A 17 1.57 7.84 -3.44
C GLY A 17 0.97 6.94 -2.36
N CYS A 18 0.81 5.66 -2.67
CA CYS A 18 0.22 4.71 -1.73
C CYS A 18 1.09 4.54 -0.49
N SER A 19 0.54 3.92 0.54
CA SER A 19 1.27 3.69 1.79
C SER A 19 0.81 2.39 2.44
N CYS A 20 1.77 1.61 2.92
CA CYS A 20 1.47 0.33 3.56
C CYS A 20 0.82 0.56 4.93
N LYS A 21 -0.35 -0.03 5.12
CA LYS A 21 -1.06 0.10 6.38
C LYS A 21 -1.91 -1.14 6.60
N ASN A 22 -1.75 -1.78 7.76
CA ASN A 22 -2.48 -3.00 8.11
C ASN A 22 -2.38 -4.06 7.01
N LYS A 23 -1.20 -4.15 6.39
CA LYS A 23 -0.91 -5.13 5.33
C LYS A 23 -1.50 -4.72 3.96
N VAL A 24 -2.34 -3.70 3.94
CA VAL A 24 -2.92 -3.22 2.68
C VAL A 24 -2.43 -1.80 2.38
N CYS A 25 -2.07 -1.55 1.13
CA CYS A 25 -1.61 -0.22 0.77
C CYS A 25 -2.76 0.68 0.36
N TYR A 26 -2.82 1.86 0.99
CA TYR A 26 -3.86 2.84 0.71
C TYR A 26 -3.25 4.16 0.28
N LEU A 27 -3.98 4.89 -0.56
CA LEU A 27 -3.57 6.18 -1.04
C LEU A 27 -4.65 7.17 -0.63
N ASN A 28 -4.36 7.95 0.39
CA ASN A 28 -5.32 8.92 0.92
C ASN A 28 -6.59 8.19 1.37
N SER A 29 -6.38 7.10 2.11
CA SER A 29 -7.45 6.26 2.64
C SER A 29 -8.13 5.40 1.55
N ILE A 30 -7.75 5.63 0.28
CA ILE A 30 -8.33 4.86 -0.81
C ILE A 30 -7.52 3.59 -1.06
N SER A 31 -8.20 2.46 -1.21
CA SER A 31 -7.54 1.19 -1.46
C SER A 31 -6.79 1.22 -2.78
#